data_5IEK
#
_entry.id   5IEK
#
_cell.length_a   51.260
_cell.length_b   82.201
_cell.length_c   111.145
_cell.angle_alpha   90.000
_cell.angle_beta   90.000
_cell.angle_gamma   90.000
#
_symmetry.space_group_name_H-M   'P 21 21 21'
#
loop_
_entity.id
_entity.type
_entity.pdbx_description
1 polymer 'HLA class I histocompatibility antigen, B-40 alpha chain'
2 polymer Beta-2-microglobulin
3 polymer ARG-GLU-PHE-SER-LYS-GLU-PRO-GLU-LEU
4 water water
#
loop_
_entity_poly.entity_id
_entity_poly.type
_entity_poly.pdbx_seq_one_letter_code
_entity_poly.pdbx_strand_id
1 'polypeptide(L)'
;MGSHSMRYFHTSVSRPGRGEPRFITVGYVDDTLFVRFDSDATSPRKEPRAPWIEQEGPEYWDRETQISKTNTQTYRESLR
NLRGYYNQSEAGSHTLQSMYGCDVGPDGRLLRGHNQYAYDGKDYIALNEDLRSWTAADTAAQITQRKWEAARVAEQLRAY
LEGECVEWLRRYLENGKETLQRADPPKTHVTHHPISDHEATLRCWALGFYPAEITLTWQRDGEDQTQDTELVETRPAGDR
TFQKWAAVVVPSGEEQRYTCHVQHEGLPKPLTLRWEP
;
A
2 'polypeptide(L)'
;MIQRTPKIQVYSRHPAENGKSNFLNCYVSGFHPSDIEVDLLKNGERIEKVEHSDLSFSKDWSFYLLYYTEFTPTEKDEYA
CRVNHVTLSQPKIVKWDRDM
;
B
3 'polypeptide(L)' REFSKEPEL C
#
# COMPACT_ATOMS: atom_id res chain seq x y z
N GLY A 2 -0.44 -12.19 -15.93
CA GLY A 2 0.57 -13.28 -16.13
C GLY A 2 1.93 -12.92 -15.54
N SER A 3 2.13 -11.65 -15.23
CA SER A 3 3.38 -11.15 -14.67
C SER A 3 3.20 -10.85 -13.17
N HIS A 4 4.27 -11.04 -12.39
CA HIS A 4 4.15 -11.10 -10.93
C HIS A 4 5.37 -10.46 -10.28
N SER A 5 5.20 -10.07 -9.02
CA SER A 5 6.27 -9.43 -8.28
CA SER A 5 6.28 -9.44 -8.29
C SER A 5 6.31 -9.95 -6.85
N MET A 6 7.50 -9.98 -6.26
CA MET A 6 7.68 -10.12 -4.82
C MET A 6 8.41 -8.88 -4.31
N ARG A 7 7.93 -8.32 -3.20
CA ARG A 7 8.57 -7.15 -2.63
C ARG A 7 8.58 -7.25 -1.12
N TYR A 8 9.70 -6.86 -0.52
CA TYR A 8 9.78 -6.65 0.92
C TYR A 8 10.01 -5.17 1.21
N PHE A 9 9.32 -4.68 2.23
CA PHE A 9 9.29 -3.27 2.60
C PHE A 9 9.75 -3.17 4.04
N HIS A 10 10.80 -2.37 4.27
CA HIS A 10 11.38 -2.14 5.58
C HIS A 10 11.15 -0.70 6.01
N THR A 11 10.76 -0.50 7.27
CA THR A 11 10.64 0.85 7.80
C THR A 11 11.28 0.91 9.19
N SER A 12 12.14 1.90 9.42
CA SER A 12 12.74 2.10 10.73
C SER A 12 12.53 3.56 11.13
N VAL A 13 12.05 3.79 12.35
CA VAL A 13 11.69 5.14 12.76
C VAL A 13 12.28 5.41 14.14
N SER A 14 13.13 6.43 14.25
CA SER A 14 13.75 6.76 15.53
C SER A 14 12.77 7.60 16.35
N ARG A 15 12.99 7.58 17.67
CA ARG A 15 12.04 8.16 18.62
C ARG A 15 12.80 8.53 19.88
N PRO A 16 13.71 9.52 19.79
CA PRO A 16 14.58 9.82 20.92
C PRO A 16 13.78 10.06 22.18
N GLY A 17 14.23 9.44 23.25
CA GLY A 17 13.58 9.54 24.55
C GLY A 17 12.46 8.55 24.75
N ARG A 18 12.16 7.72 23.76
CA ARG A 18 11.10 6.71 23.80
C ARG A 18 11.63 5.38 23.30
N GLY A 19 12.86 5.07 23.63
CA GLY A 19 13.41 3.78 23.31
C GLY A 19 14.17 3.81 21.99
N GLU A 20 14.49 2.65 21.52
CA GLU A 20 15.25 2.47 20.30
C GLU A 20 14.34 2.49 19.08
N PRO A 21 14.90 2.75 17.88
CA PRO A 21 14.06 2.83 16.68
C PRO A 21 13.29 1.54 16.40
N ARG A 22 12.00 1.71 16.15
CA ARG A 22 11.12 0.61 15.82
C ARG A 22 11.41 0.14 14.39
N PHE A 23 11.38 -1.18 14.17
CA PHE A 23 11.62 -1.74 12.85
C PHE A 23 10.43 -2.61 12.46
N ILE A 24 9.92 -2.39 11.25
CA ILE A 24 8.80 -3.14 10.71
C ILE A 24 9.20 -3.66 9.33
N THR A 25 8.78 -4.88 9.02
CA THR A 25 8.89 -5.42 7.67
C THR A 25 7.54 -5.98 7.28
N VAL A 26 7.13 -5.74 6.02
CA VAL A 26 6.05 -6.49 5.43
C VAL A 26 6.53 -7.04 4.09
N GLY A 27 6.01 -8.21 3.75
CA GLY A 27 6.29 -8.85 2.45
C GLY A 27 5.03 -8.97 1.62
N TYR A 28 5.14 -8.70 0.32
CA TYR A 28 4.03 -8.82 -0.62
C TYR A 28 4.39 -9.76 -1.76
N VAL A 29 3.40 -10.52 -2.24
CA VAL A 29 3.41 -11.06 -3.59
C VAL A 29 2.29 -10.36 -4.33
N ASP A 30 2.62 -9.66 -5.40
CA ASP A 30 1.64 -8.81 -6.10
C ASP A 30 0.94 -7.94 -5.04
N ASP A 31 -0.39 -7.94 -4.96
CA ASP A 31 -1.10 -7.09 -4.02
C ASP A 31 -1.53 -7.83 -2.77
N THR A 32 -0.84 -8.93 -2.43
CA THR A 32 -1.21 -9.77 -1.29
C THR A 32 -0.09 -9.75 -0.25
N LEU A 33 -0.39 -9.20 0.92
CA LEU A 33 0.55 -9.22 2.03
C LEU A 33 0.62 -10.63 2.58
N PHE A 34 1.82 -11.18 2.73
CA PHE A 34 1.93 -12.55 3.22
C PHE A 34 2.79 -12.74 4.47
N VAL A 35 3.57 -11.76 4.90
CA VAL A 35 4.42 -11.94 6.08
C VAL A 35 4.62 -10.57 6.72
N ARG A 36 4.74 -10.53 8.05
CA ARG A 36 5.03 -9.26 8.74
CA ARG A 36 5.02 -9.27 8.74
C ARG A 36 5.99 -9.51 9.89
N PHE A 37 6.64 -8.43 10.32
CA PHE A 37 7.49 -8.43 11.50
C PHE A 37 7.44 -7.05 12.14
N ASP A 38 7.43 -6.98 13.48
CA ASP A 38 7.39 -5.69 14.19
C ASP A 38 8.24 -5.84 15.44
N SER A 39 9.28 -5.00 15.56
CA SER A 39 10.15 -5.11 16.73
C SER A 39 9.44 -4.68 18.02
N ASP A 40 8.34 -3.94 17.93
CA ASP A 40 7.55 -3.58 19.11
C ASP A 40 6.55 -4.66 19.53
N ALA A 41 6.49 -5.76 18.82
CA ALA A 41 5.60 -6.83 19.23
C ALA A 41 6.09 -7.43 20.54
N THR A 42 5.18 -8.07 21.28
CA THR A 42 5.53 -8.62 22.58
C THR A 42 6.67 -9.63 22.45
N SER A 43 6.57 -10.53 21.48
CA SER A 43 7.62 -11.51 21.19
C SER A 43 7.88 -11.43 19.70
N PRO A 44 8.77 -10.53 19.27
CA PRO A 44 8.92 -10.29 17.83
C PRO A 44 9.28 -11.56 17.07
N ARG A 45 8.48 -11.87 16.06
CA ARG A 45 8.73 -12.97 15.16
C ARG A 45 8.13 -12.65 13.79
N LYS A 46 8.71 -13.22 12.74
CA LYS A 46 8.04 -13.19 11.45
C LYS A 46 6.75 -13.99 11.54
N GLU A 47 5.65 -13.40 11.09
CA GLU A 47 4.35 -14.03 11.21
C GLU A 47 3.67 -14.17 9.85
N PRO A 48 2.97 -15.28 9.61
CA PRO A 48 2.21 -15.42 8.36
C PRO A 48 0.97 -14.55 8.34
N ARG A 49 0.66 -14.06 7.15
CA ARG A 49 -0.55 -13.28 6.93
C ARG A 49 -1.34 -13.77 5.71
N ALA A 50 -0.95 -14.87 5.09
CA ALA A 50 -1.73 -15.51 4.04
C ALA A 50 -1.67 -17.02 4.23
N PRO A 51 -2.76 -17.73 3.89
CA PRO A 51 -2.80 -19.17 4.18
C PRO A 51 -1.71 -19.98 3.51
N TRP A 52 -1.33 -19.62 2.28
CA TRP A 52 -0.38 -20.44 1.54
C TRP A 52 1.04 -20.34 2.08
N ILE A 53 1.36 -19.37 2.93
CA ILE A 53 2.69 -19.34 3.53
C ILE A 53 2.74 -20.13 4.84
N GLU A 54 1.58 -20.49 5.39
CA GLU A 54 1.58 -21.19 6.67
C GLU A 54 2.23 -22.56 6.59
N GLN A 55 2.21 -23.17 5.40
CA GLN A 55 2.80 -24.49 5.23
C GLN A 55 4.32 -24.49 5.31
N GLU A 56 4.97 -23.32 5.28
CA GLU A 56 6.41 -23.35 5.46
C GLU A 56 6.74 -23.83 6.86
N GLY A 57 7.86 -24.55 6.97
CA GLY A 57 8.19 -25.23 8.20
C GLY A 57 8.87 -24.32 9.21
N PRO A 58 9.11 -24.87 10.40
CA PRO A 58 9.72 -24.06 11.47
C PRO A 58 11.09 -23.53 11.12
N GLU A 59 11.87 -24.25 10.32
CA GLU A 59 13.18 -23.75 9.90
C GLU A 59 13.05 -22.47 9.07
N TYR A 60 12.05 -22.40 8.19
CA TYR A 60 11.74 -21.17 7.47
C TYR A 60 11.49 -20.01 8.43
N TRP A 61 10.60 -20.22 9.42
CA TRP A 61 10.19 -19.12 10.27
C TRP A 61 11.31 -18.68 11.19
N ASP A 62 12.18 -19.60 11.60
CA ASP A 62 13.33 -19.24 12.42
C ASP A 62 14.34 -18.41 11.62
N ARG A 63 14.59 -18.79 10.36
CA ARG A 63 15.51 -18.01 9.56
C ARG A 63 14.94 -16.63 9.27
N GLU A 64 13.67 -16.55 8.91
CA GLU A 64 13.05 -15.27 8.59
C GLU A 64 13.06 -14.35 9.81
N THR A 65 12.81 -14.93 10.98
CA THR A 65 12.82 -14.15 12.23
C THR A 65 14.21 -13.64 12.55
N GLN A 66 15.22 -14.51 12.37
CA GLN A 66 16.58 -14.08 12.66
C GLN A 66 17.02 -12.97 11.71
N ILE A 67 16.68 -13.09 10.43
CA ILE A 67 16.99 -11.99 9.51
C ILE A 67 16.37 -10.68 9.98
N SER A 68 15.10 -10.69 10.36
CA SER A 68 14.45 -9.46 10.78
C SER A 68 15.04 -8.92 12.08
N LYS A 69 15.41 -9.81 13.00
CA LYS A 69 16.03 -9.32 14.23
C LYS A 69 17.39 -8.69 13.95
N THR A 70 18.18 -9.30 13.05
CA THR A 70 19.44 -8.69 12.65
C THR A 70 19.19 -7.38 11.92
N ASN A 71 18.19 -7.31 11.03
CA ASN A 71 17.90 -6.05 10.34
C ASN A 71 17.51 -4.95 11.32
N THR A 72 16.80 -5.29 12.40
CA THR A 72 16.42 -4.28 13.37
C THR A 72 17.66 -3.53 13.87
N GLN A 73 18.74 -4.26 14.15
CA GLN A 73 19.97 -3.64 14.62
C GLN A 73 20.69 -2.91 13.48
N THR A 74 20.73 -3.52 12.30
CA THR A 74 21.38 -2.86 11.17
C THR A 74 20.74 -1.52 10.87
N TYR A 75 19.41 -1.45 10.87
CA TYR A 75 18.75 -0.19 10.53
C TYR A 75 18.97 0.84 11.63
N ARG A 76 19.13 0.42 12.88
CA ARG A 76 19.44 1.37 13.95
C ARG A 76 20.83 1.98 13.77
N GLU A 77 21.81 1.18 13.35
CA GLU A 77 23.12 1.74 13.00
C GLU A 77 23.03 2.65 11.79
N SER A 78 22.30 2.23 10.76
CA SER A 78 22.11 3.09 9.60
C SER A 78 21.55 4.45 9.99
N LEU A 79 20.54 4.47 10.87
CA LEU A 79 19.95 5.75 11.28
C LEU A 79 20.96 6.61 12.02
N ARG A 80 21.82 6.00 12.84
CA ARG A 80 22.86 6.79 13.50
C ARG A 80 23.84 7.39 12.49
N ASN A 81 24.23 6.58 11.50
CA ASN A 81 25.14 7.07 10.46
C ASN A 81 24.52 8.23 9.68
N LEU A 82 23.25 8.06 9.28
CA LEU A 82 22.55 9.10 8.51
C LEU A 82 22.44 10.41 9.29
N ARG A 83 22.17 10.34 10.58
CA ARG A 83 22.12 11.56 11.37
C ARG A 83 23.41 12.35 11.21
N GLY A 84 24.54 11.67 11.31
CA GLY A 84 25.83 12.32 11.13
C GLY A 84 26.05 12.85 9.73
N TYR A 85 25.63 12.08 8.71
CA TYR A 85 25.88 12.51 7.33
C TYR A 85 25.20 13.82 7.01
N TYR A 86 24.10 14.12 7.68
CA TYR A 86 23.36 15.36 7.49
C TYR A 86 23.50 16.35 8.66
N ASN A 87 24.47 16.12 9.55
CA ASN A 87 24.77 17.04 10.65
C ASN A 87 23.55 17.33 11.51
N GLN A 88 22.74 16.31 11.75
CA GLN A 88 21.47 16.48 12.44
C GLN A 88 21.62 16.21 13.93
N SER A 89 20.76 16.88 14.70
CA SER A 89 20.74 16.69 16.15
C SER A 89 20.28 15.29 16.54
N GLU A 90 20.69 14.87 17.74
CA GLU A 90 20.20 13.63 18.31
C GLU A 90 18.77 13.74 18.82
N ALA A 91 18.19 14.94 18.77
CA ALA A 91 16.87 15.18 19.36
C ALA A 91 15.71 14.84 18.44
N GLY A 92 15.91 14.85 17.12
CA GLY A 92 14.81 14.67 16.20
C GLY A 92 14.54 13.20 15.84
N SER A 93 13.31 12.94 15.42
CA SER A 93 12.89 11.65 14.89
C SER A 93 13.10 11.62 13.38
N HIS A 94 13.57 10.48 12.89
CA HIS A 94 13.86 10.31 11.46
C HIS A 94 13.38 8.94 11.01
N THR A 95 13.19 8.80 9.70
CA THR A 95 12.62 7.60 9.10
C THR A 95 13.58 7.07 8.04
N LEU A 96 13.84 5.77 8.05
CA LEU A 96 14.59 5.11 6.99
C LEU A 96 13.70 4.01 6.42
N GLN A 97 13.46 4.06 5.11
CA GLN A 97 12.66 3.05 4.42
C GLN A 97 13.48 2.38 3.33
N SER A 98 13.14 1.13 3.05
CA SER A 98 13.72 0.47 1.90
C SER A 98 12.75 -0.56 1.35
N MET A 99 12.93 -0.84 0.05
CA MET A 99 12.16 -1.88 -0.61
C MET A 99 13.10 -2.64 -1.55
N TYR A 100 12.88 -3.94 -1.66
CA TYR A 100 13.63 -4.71 -2.66
C TYR A 100 12.75 -5.87 -3.12
N GLY A 101 13.14 -6.46 -4.25
CA GLY A 101 12.44 -7.63 -4.75
C GLY A 101 12.60 -7.80 -6.24
N CYS A 102 11.79 -8.72 -6.80
CA CYS A 102 11.96 -9.08 -8.20
C CYS A 102 10.60 -9.06 -8.90
N ASP A 103 10.63 -8.75 -10.19
CA ASP A 103 9.51 -8.88 -11.10
C ASP A 103 9.79 -10.02 -12.07
N VAL A 104 8.76 -10.77 -12.40
CA VAL A 104 8.87 -12.00 -13.17
C VAL A 104 7.77 -11.99 -14.24
N GLY A 105 8.08 -12.49 -15.45
CA GLY A 105 7.07 -12.52 -16.50
C GLY A 105 6.28 -13.81 -16.50
N PRO A 106 5.34 -13.94 -17.45
CA PRO A 106 4.53 -15.17 -17.54
C PRO A 106 5.33 -16.46 -17.56
N ASP A 107 6.52 -16.46 -18.12
CA ASP A 107 7.33 -17.68 -18.15
C ASP A 107 8.12 -17.89 -16.88
N GLY A 108 7.94 -17.02 -15.87
CA GLY A 108 8.69 -17.16 -14.65
C GLY A 108 10.10 -16.62 -14.69
N ARG A 109 10.50 -15.96 -15.78
CA ARG A 109 11.85 -15.42 -15.87
C ARG A 109 11.92 -13.98 -15.35
N LEU A 110 13.08 -13.65 -14.80
CA LEU A 110 13.33 -12.31 -14.28
C LEU A 110 13.12 -11.25 -15.34
N LEU A 111 12.26 -10.27 -15.01
CA LEU A 111 12.08 -9.05 -15.77
C LEU A 111 13.04 -7.98 -15.28
N ARG A 112 13.06 -7.75 -13.96
CA ARG A 112 14.06 -6.87 -13.37
C ARG A 112 14.03 -7.03 -11.85
N GLY A 113 15.11 -6.59 -11.19
CA GLY A 113 15.20 -6.54 -9.74
C GLY A 113 15.19 -5.10 -9.22
N HIS A 114 14.99 -4.98 -7.90
CA HIS A 114 14.86 -3.68 -7.26
C HIS A 114 15.55 -3.69 -5.90
N ASN A 115 16.16 -2.57 -5.54
CA ASN A 115 16.56 -2.34 -4.15
C ASN A 115 16.80 -0.83 -4.01
N GLN A 116 15.93 -0.15 -3.25
CA GLN A 116 16.12 1.28 -3.08
C GLN A 116 15.76 1.73 -1.68
N TYR A 117 16.30 2.91 -1.34
CA TYR A 117 16.20 3.43 0.02
C TYR A 117 15.75 4.88 0.02
N ALA A 118 15.09 5.28 1.10
CA ALA A 118 14.66 6.66 1.29
C ALA A 118 14.89 7.08 2.74
N TYR A 119 15.29 8.34 2.92
CA TYR A 119 15.55 8.91 4.25
C TYR A 119 14.61 10.09 4.45
N ASP A 120 13.79 10.01 5.48
CA ASP A 120 12.83 11.04 5.76
C ASP A 120 11.95 11.32 4.54
N GLY A 121 11.61 10.23 3.82
CA GLY A 121 10.67 10.28 2.71
C GLY A 121 11.27 10.69 1.38
N LYS A 122 12.58 10.90 1.32
CA LYS A 122 13.26 11.41 0.15
C LYS A 122 14.22 10.35 -0.37
N ASP A 123 14.17 10.09 -1.68
CA ASP A 123 15.03 9.08 -2.24
C ASP A 123 16.48 9.35 -1.84
N TYR A 124 17.14 8.28 -1.45
CA TYR A 124 18.50 8.37 -0.93
C TYR A 124 19.50 7.62 -1.80
N ILE A 125 19.31 6.33 -2.02
CA ILE A 125 20.21 5.56 -2.87
C ILE A 125 19.41 4.41 -3.46
N ALA A 126 19.78 4.00 -4.68
CA ALA A 126 19.04 2.94 -5.38
C ALA A 126 20.00 2.09 -6.20
N LEU A 127 19.79 0.78 -6.21
CA LEU A 127 20.50 -0.09 -7.13
C LEU A 127 19.96 0.10 -8.55
N ASN A 128 20.86 0.31 -9.51
CA ASN A 128 20.39 0.53 -10.88
C ASN A 128 19.85 -0.77 -11.48
N GLU A 129 19.14 -0.66 -12.59
CA GLU A 129 18.54 -1.85 -13.20
C GLU A 129 19.59 -2.88 -13.61
N ASP A 130 20.83 -2.46 -13.85
CA ASP A 130 21.89 -3.41 -14.19
C ASP A 130 22.29 -4.31 -13.01
N LEU A 131 21.79 -4.03 -11.81
CA LEU A 131 22.13 -4.78 -10.60
C LEU A 131 23.63 -4.76 -10.33
N ARG A 132 24.33 -3.75 -10.81
CA ARG A 132 25.76 -3.66 -10.60
C ARG A 132 26.22 -2.30 -10.07
N SER A 133 25.48 -1.22 -10.31
CA SER A 133 25.88 0.13 -9.95
C SER A 133 24.77 0.81 -9.16
N TRP A 134 25.13 1.93 -8.53
CA TRP A 134 24.25 2.66 -7.62
C TRP A 134 24.01 4.06 -8.13
N THR A 135 22.84 4.61 -7.83
CA THR A 135 22.54 6.02 -8.01
C THR A 135 22.34 6.63 -6.64
N ALA A 136 23.17 7.61 -6.29
CA ALA A 136 23.15 8.30 -5.00
C ALA A 136 22.55 9.68 -5.18
N ALA A 137 21.64 10.04 -4.30
CA ALA A 137 20.89 11.27 -4.47
C ALA A 137 21.67 12.54 -4.08
N ASP A 138 22.67 12.44 -3.22
CA ASP A 138 23.35 13.63 -2.70
C ASP A 138 24.69 13.20 -2.13
N THR A 139 25.43 14.17 -1.57
CA THR A 139 26.78 13.83 -1.11
C THR A 139 26.78 12.92 0.10
N ALA A 140 25.69 12.89 0.89
CA ALA A 140 25.60 11.92 1.97
C ALA A 140 25.48 10.51 1.40
N ALA A 141 24.57 10.33 0.43
CA ALA A 141 24.40 9.01 -0.19
C ALA A 141 25.68 8.57 -0.91
N GLN A 142 26.51 9.50 -1.39
CA GLN A 142 27.78 9.10 -1.97
C GLN A 142 28.68 8.42 -0.96
N ILE A 143 28.55 8.76 0.31
CA ILE A 143 29.33 8.06 1.33
C ILE A 143 28.89 6.61 1.41
N THR A 144 27.59 6.38 1.48
CA THR A 144 27.05 5.03 1.44
C THR A 144 27.51 4.30 0.18
N GLN A 145 27.37 4.96 -0.97
CA GLN A 145 27.77 4.34 -2.24
C GLN A 145 29.21 3.87 -2.21
N ARG A 146 30.12 4.77 -1.80
CA ARG A 146 31.54 4.42 -1.74
C ARG A 146 31.76 3.22 -0.83
N LYS A 147 31.07 3.17 0.31
CA LYS A 147 31.21 2.05 1.23
C LYS A 147 30.65 0.75 0.64
N TRP A 148 29.53 0.83 -0.06
CA TRP A 148 28.95 -0.38 -0.65
C TRP A 148 29.70 -0.81 -1.90
N GLU A 149 30.31 0.13 -2.62
CA GLU A 149 31.20 -0.27 -3.73
C GLU A 149 32.42 -0.99 -3.19
N ALA A 150 32.99 -0.50 -2.08
CA ALA A 150 34.17 -1.14 -1.51
C ALA A 150 33.86 -2.55 -1.01
N ALA A 151 32.68 -2.77 -0.43
CA ALA A 151 32.26 -4.08 0.08
C ALA A 151 31.59 -4.95 -0.98
N ARG A 152 31.51 -4.50 -2.22
CA ARG A 152 30.87 -5.25 -3.31
C ARG A 152 29.48 -5.78 -2.89
N VAL A 153 28.68 -4.88 -2.30
CA VAL A 153 27.32 -5.21 -1.88
C VAL A 153 26.44 -5.56 -3.08
N ALA A 154 26.60 -4.83 -4.19
CA ALA A 154 25.73 -5.03 -5.35
C ALA A 154 25.81 -6.46 -5.87
N GLU A 155 26.99 -7.07 -5.82
CA GLU A 155 27.15 -8.43 -6.29
C GLU A 155 26.35 -9.42 -5.46
N GLN A 156 26.27 -9.20 -4.15
CA GLN A 156 25.45 -10.04 -3.29
C GLN A 156 23.97 -9.88 -3.63
N LEU A 157 23.52 -8.64 -3.78
CA LEU A 157 22.13 -8.42 -4.14
C LEU A 157 21.80 -9.07 -5.46
N ARG A 158 22.67 -8.86 -6.46
CA ARG A 158 22.42 -9.43 -7.78
C ARG A 158 22.21 -10.94 -7.66
N ALA A 159 23.07 -11.61 -6.92
CA ALA A 159 22.98 -13.06 -6.81
C ALA A 159 21.65 -13.44 -6.20
N TYR A 160 21.22 -12.69 -5.18
CA TYR A 160 19.92 -12.93 -4.56
C TYR A 160 18.77 -12.64 -5.52
N LEU A 161 18.79 -11.47 -6.18
CA LEU A 161 17.62 -11.10 -6.97
C LEU A 161 17.43 -12.02 -8.18
N GLU A 162 18.53 -12.50 -8.77
CA GLU A 162 18.43 -13.33 -9.95
C GLU A 162 18.22 -14.79 -9.60
N GLY A 163 18.55 -15.19 -8.38
CA GLY A 163 18.36 -16.57 -7.98
C GLY A 163 17.21 -16.77 -7.02
N GLU A 164 17.52 -16.68 -5.72
CA GLU A 164 16.57 -16.97 -4.66
C GLU A 164 15.26 -16.21 -4.83
N CYS A 165 15.33 -14.91 -5.12
CA CYS A 165 14.11 -14.11 -5.17
C CYS A 165 13.15 -14.68 -6.21
N VAL A 166 13.66 -15.01 -7.40
CA VAL A 166 12.82 -15.56 -8.45
C VAL A 166 12.32 -16.95 -8.09
N GLU A 167 13.17 -17.77 -7.49
CA GLU A 167 12.80 -19.15 -7.21
C GLU A 167 11.77 -19.24 -6.08
N TRP A 168 11.91 -18.42 -5.05
CA TRP A 168 10.91 -18.38 -3.99
C TRP A 168 9.60 -17.73 -4.45
N LEU A 169 9.67 -16.69 -5.27
CA LEU A 169 8.43 -16.16 -5.84
C LEU A 169 7.67 -17.24 -6.61
N ARG A 170 8.38 -17.98 -7.46
CA ARG A 170 7.72 -19.05 -8.22
C ARG A 170 7.12 -20.11 -7.29
N ARG A 171 7.81 -20.44 -6.19
CA ARG A 171 7.29 -21.34 -5.18
C ARG A 171 5.99 -20.81 -4.57
N TYR A 172 6.00 -19.55 -4.13
CA TYR A 172 4.80 -18.96 -3.53
C TYR A 172 3.64 -18.92 -4.53
N LEU A 173 3.94 -18.63 -5.80
CA LEU A 173 2.89 -18.50 -6.80
C LEU A 173 2.20 -19.83 -7.01
N GLU A 174 2.97 -20.91 -6.96
CA GLU A 174 2.40 -22.24 -7.09
C GLU A 174 1.65 -22.63 -5.84
N ASN A 175 2.25 -22.40 -4.66
CA ASN A 175 1.57 -22.78 -3.42
C ASN A 175 0.28 -22.00 -3.20
N GLY A 176 0.23 -20.76 -3.68
CA GLY A 176 -0.98 -19.97 -3.56
C GLY A 176 -1.70 -19.74 -4.88
N LYS A 177 -1.56 -20.68 -5.82
CA LYS A 177 -2.05 -20.42 -7.17
C LYS A 177 -3.56 -20.16 -7.19
N GLU A 178 -4.33 -20.75 -6.26
CA GLU A 178 -5.78 -20.59 -6.33
C GLU A 178 -6.22 -19.17 -6.05
N THR A 179 -5.37 -18.37 -5.40
CA THR A 179 -5.66 -16.95 -5.18
C THR A 179 -4.69 -16.05 -5.91
N LEU A 180 -3.39 -16.32 -5.82
CA LEU A 180 -2.42 -15.41 -6.42
C LEU A 180 -2.51 -15.39 -7.94
N GLN A 181 -2.90 -16.50 -8.56
CA GLN A 181 -3.02 -16.55 -10.00
C GLN A 181 -4.47 -16.58 -10.44
N ARG A 182 -5.36 -16.03 -9.62
CA ARG A 182 -6.78 -15.89 -9.93
C ARG A 182 -7.10 -14.40 -9.97
N ALA A 183 -7.48 -13.90 -11.14
CA ALA A 183 -7.93 -12.54 -11.26
C ALA A 183 -9.44 -12.50 -11.06
N ASP A 184 -9.89 -11.66 -10.12
CA ASP A 184 -11.30 -11.50 -9.84
C ASP A 184 -11.81 -10.24 -10.53
N PRO A 185 -12.74 -10.34 -11.48
CA PRO A 185 -13.10 -9.16 -12.25
C PRO A 185 -13.95 -8.19 -11.46
N PRO A 186 -13.95 -6.92 -11.82
CA PRO A 186 -14.79 -5.96 -11.10
C PRO A 186 -16.26 -6.17 -11.39
N LYS A 187 -17.07 -5.99 -10.37
CA LYS A 187 -18.50 -5.79 -10.54
C LYS A 187 -18.71 -4.30 -10.76
N THR A 188 -19.44 -3.94 -11.81
CA THR A 188 -19.50 -2.56 -12.26
C THR A 188 -20.96 -2.09 -12.32
N HIS A 189 -21.17 -0.83 -11.99
CA HIS A 189 -22.48 -0.20 -12.18
C HIS A 189 -22.28 1.31 -12.18
N VAL A 190 -23.28 2.02 -12.69
CA VAL A 190 -23.26 3.49 -12.79
C VAL A 190 -24.40 4.01 -11.93
N THR A 191 -24.09 5.00 -11.09
CA THR A 191 -25.10 5.68 -10.30
C THR A 191 -25.21 7.15 -10.73
N HIS A 192 -26.36 7.73 -10.42
CA HIS A 192 -26.73 9.08 -10.85
C HIS A 192 -27.12 9.88 -9.62
N HIS A 193 -26.52 11.06 -9.45
CA HIS A 193 -26.70 11.88 -8.24
C HIS A 193 -26.99 13.32 -8.61
N PRO A 194 -28.26 13.72 -8.68
CA PRO A 194 -28.58 15.11 -9.03
C PRO A 194 -27.86 16.10 -8.12
N ILE A 195 -27.33 17.16 -8.72
CA ILE A 195 -26.69 18.23 -7.96
C ILE A 195 -27.61 19.43 -7.86
N SER A 196 -28.27 19.75 -8.95
CA SER A 196 -29.11 20.91 -9.06
C SER A 196 -30.10 20.65 -10.19
N ASP A 197 -30.89 21.68 -10.52
CA ASP A 197 -31.75 21.54 -11.69
C ASP A 197 -30.92 21.40 -12.95
N HIS A 198 -29.66 21.81 -12.90
CA HIS A 198 -28.87 22.00 -14.11
C HIS A 198 -27.88 20.88 -14.37
N GLU A 199 -27.49 20.12 -13.36
CA GLU A 199 -26.50 19.07 -13.60
C GLU A 199 -26.62 17.98 -12.54
N ALA A 200 -25.96 16.86 -12.81
CA ALA A 200 -25.93 15.72 -11.92
C ALA A 200 -24.59 15.02 -12.07
N THR A 201 -24.23 14.21 -11.06
CA THR A 201 -23.01 13.41 -11.11
C THR A 201 -23.34 12.01 -11.62
N LEU A 202 -22.54 11.51 -12.55
CA LEU A 202 -22.56 10.10 -12.90
C LEU A 202 -21.32 9.49 -12.29
N ARG A 203 -21.49 8.36 -11.59
CA ARG A 203 -20.37 7.74 -10.89
C ARG A 203 -20.28 6.30 -11.35
N CYS A 204 -19.13 5.94 -11.87
CA CYS A 204 -18.86 4.59 -12.38
C CYS A 204 -18.14 3.82 -11.29
N TRP A 205 -18.70 2.68 -10.87
CA TRP A 205 -18.16 1.87 -9.78
C TRP A 205 -17.50 0.59 -10.27
N ALA A 206 -16.38 0.24 -9.64
CA ALA A 206 -15.73 -1.07 -9.81
C ALA A 206 -15.49 -1.64 -8.42
N LEU A 207 -16.08 -2.79 -8.14
CA LEU A 207 -16.02 -3.40 -6.82
C LEU A 207 -15.58 -4.86 -6.90
N GLY A 208 -14.86 -5.29 -5.86
CA GLY A 208 -14.55 -6.69 -5.68
C GLY A 208 -13.48 -7.25 -6.61
N PHE A 209 -12.59 -6.42 -7.11
CA PHE A 209 -11.61 -6.89 -8.09
C PHE A 209 -10.25 -7.15 -7.44
N TYR A 210 -9.49 -8.03 -8.10
CA TYR A 210 -8.12 -8.38 -7.72
C TYR A 210 -7.43 -8.85 -9.01
N PRO A 211 -6.22 -8.36 -9.28
CA PRO A 211 -5.42 -7.46 -8.48
C PRO A 211 -5.88 -6.02 -8.57
N ALA A 212 -5.14 -5.11 -7.94
CA ALA A 212 -5.59 -3.73 -7.80
C ALA A 212 -5.53 -2.94 -9.10
N GLU A 213 -4.64 -3.31 -10.01
CA GLU A 213 -4.50 -2.61 -11.28
C GLU A 213 -5.82 -2.61 -12.05
N ILE A 214 -6.28 -1.43 -12.46
CA ILE A 214 -7.54 -1.28 -13.17
C ILE A 214 -7.50 0.05 -13.91
N THR A 215 -8.27 0.17 -14.99
CA THR A 215 -8.47 1.43 -15.69
C THR A 215 -9.97 1.73 -15.75
N LEU A 216 -10.34 2.90 -15.24
CA LEU A 216 -11.72 3.40 -15.22
C LEU A 216 -11.71 4.79 -15.83
N THR A 217 -12.43 4.98 -16.92
CA THR A 217 -12.43 6.27 -17.60
C THR A 217 -13.85 6.59 -18.05
N TRP A 218 -14.15 7.88 -18.13
CA TRP A 218 -15.39 8.40 -18.70
C TRP A 218 -15.08 9.01 -20.04
N GLN A 219 -15.96 8.77 -21.01
CA GLN A 219 -15.92 9.44 -22.29
C GLN A 219 -17.21 10.22 -22.49
N ARG A 220 -17.10 11.34 -23.20
CA ARG A 220 -18.24 12.13 -23.70
C ARG A 220 -18.13 12.17 -25.22
N ASP A 221 -19.15 11.64 -25.90
CA ASP A 221 -19.12 11.58 -27.38
C ASP A 221 -17.87 10.88 -27.88
N GLY A 222 -17.38 9.90 -27.12
CA GLY A 222 -16.21 9.13 -27.48
C GLY A 222 -14.87 9.77 -27.22
N GLU A 223 -14.81 10.94 -26.57
CA GLU A 223 -13.55 11.57 -26.21
C GLU A 223 -13.37 11.52 -24.70
N ASP A 224 -12.12 11.32 -24.26
CA ASP A 224 -11.89 11.08 -22.84
C ASP A 224 -11.96 12.38 -22.04
N GLN A 225 -12.57 12.29 -20.87
CA GLN A 225 -12.84 13.44 -19.99
C GLN A 225 -11.84 13.46 -18.83
N THR A 226 -10.57 13.30 -19.16
CA THR A 226 -9.53 13.19 -18.14
C THR A 226 -9.56 14.36 -17.18
N GLN A 227 -9.48 15.58 -17.70
CA GLN A 227 -9.42 16.75 -16.83
C GLN A 227 -10.70 16.95 -16.04
N ASP A 228 -11.83 16.37 -16.47
CA ASP A 228 -13.11 16.57 -15.81
C ASP A 228 -13.57 15.39 -14.96
N THR A 229 -12.77 14.34 -14.86
CA THR A 229 -13.15 13.14 -14.11
C THR A 229 -12.50 13.19 -12.73
N GLU A 230 -13.29 12.94 -11.70
CA GLU A 230 -12.78 12.73 -10.35
C GLU A 230 -12.58 11.24 -10.14
N LEU A 231 -11.33 10.84 -9.93
CA LEU A 231 -10.95 9.44 -9.76
C LEU A 231 -10.43 9.25 -8.34
N VAL A 232 -11.08 8.42 -7.55
CA VAL A 232 -10.55 8.18 -6.21
C VAL A 232 -9.44 7.13 -6.30
N GLU A 233 -8.50 7.23 -5.36
CA GLU A 233 -7.46 6.22 -5.24
C GLU A 233 -8.10 4.86 -5.05
N THR A 234 -7.54 3.84 -5.71
CA THR A 234 -7.97 2.48 -5.47
C THR A 234 -7.81 2.15 -3.98
N ARG A 235 -8.80 1.48 -3.41
CA ARG A 235 -8.89 1.28 -1.98
C ARG A 235 -9.20 -0.18 -1.65
N PRO A 236 -8.63 -0.70 -0.56
CA PRO A 236 -8.86 -2.12 -0.21
C PRO A 236 -10.21 -2.30 0.45
N ALA A 237 -10.92 -3.38 0.07
CA ALA A 237 -12.20 -3.68 0.70
C ALA A 237 -12.05 -4.37 2.05
N GLY A 238 -10.91 -5.04 2.30
CA GLY A 238 -10.67 -5.82 3.50
C GLY A 238 -10.84 -7.32 3.35
N ASP A 239 -11.27 -7.79 2.18
CA ASP A 239 -11.45 -9.20 1.88
C ASP A 239 -10.53 -9.67 0.75
N ARG A 240 -9.39 -8.97 0.58
CA ARG A 240 -8.36 -9.16 -0.45
C ARG A 240 -8.62 -8.32 -1.69
N THR A 241 -9.88 -7.91 -1.93
CA THR A 241 -10.22 -7.23 -3.16
C THR A 241 -10.16 -5.70 -3.00
N PHE A 242 -10.35 -5.01 -4.11
CA PHE A 242 -10.19 -3.56 -4.18
C PHE A 242 -11.46 -2.92 -4.75
N GLN A 243 -11.54 -1.62 -4.57
CA GLN A 243 -12.65 -0.80 -5.02
C GLN A 243 -12.12 0.47 -5.66
N LYS A 244 -12.86 1.01 -6.62
CA LYS A 244 -12.53 2.29 -7.22
C LYS A 244 -13.78 2.88 -7.85
N TRP A 245 -13.84 4.22 -7.94
CA TRP A 245 -14.88 4.86 -8.75
C TRP A 245 -14.34 6.10 -9.46
N ALA A 246 -15.04 6.47 -10.53
CA ALA A 246 -14.76 7.65 -11.34
C ALA A 246 -16.06 8.41 -11.55
N ALA A 247 -16.03 9.74 -11.41
CA ALA A 247 -17.25 10.51 -11.49
C ALA A 247 -17.05 11.72 -12.40
N VAL A 248 -18.13 12.08 -13.09
CA VAL A 248 -18.18 13.27 -13.94
C VAL A 248 -19.49 14.01 -13.66
N VAL A 249 -19.42 15.34 -13.79
CA VAL A 249 -20.60 16.21 -13.64
C VAL A 249 -21.14 16.48 -15.03
N VAL A 250 -22.40 16.16 -15.26
CA VAL A 250 -22.97 16.22 -16.60
C VAL A 250 -24.16 17.18 -16.61
N PRO A 251 -24.38 17.92 -17.70
CA PRO A 251 -25.61 18.73 -17.78
C PRO A 251 -26.86 17.86 -17.84
N SER A 252 -27.91 18.29 -17.13
CA SER A 252 -29.18 17.57 -17.14
C SER A 252 -29.61 17.25 -18.56
N GLY A 253 -29.98 16.00 -18.78
CA GLY A 253 -30.45 15.57 -20.08
C GLY A 253 -29.39 15.10 -21.04
N GLU A 254 -28.10 15.29 -20.74
CA GLU A 254 -27.04 14.81 -21.64
C GLU A 254 -26.42 13.49 -21.17
N GLU A 255 -27.07 12.77 -20.24
CA GLU A 255 -26.46 11.58 -19.66
C GLU A 255 -26.07 10.54 -20.70
N GLN A 256 -26.84 10.40 -21.79
CA GLN A 256 -26.57 9.30 -22.71
C GLN A 256 -25.40 9.59 -23.63
N ARG A 257 -24.82 10.79 -23.55
CA ARG A 257 -23.60 11.09 -24.29
C ARG A 257 -22.36 10.58 -23.57
N TYR A 258 -22.52 10.02 -22.37
CA TYR A 258 -21.40 9.64 -21.53
C TYR A 258 -21.31 8.14 -21.41
N THR A 259 -20.08 7.63 -21.48
CA THR A 259 -19.82 6.21 -21.39
C THR A 259 -18.69 5.95 -20.43
N CYS A 260 -18.86 4.94 -19.56
CA CYS A 260 -17.82 4.51 -18.65
C CYS A 260 -17.12 3.28 -19.21
N HIS A 261 -15.80 3.25 -19.11
CA HIS A 261 -14.99 2.19 -19.73
C HIS A 261 -14.08 1.56 -18.70
N VAL A 262 -14.06 0.23 -18.66
CA VAL A 262 -13.40 -0.53 -17.60
C VAL A 262 -12.47 -1.56 -18.24
N GLN A 263 -11.19 -1.49 -17.89
CA GLN A 263 -10.21 -2.50 -18.23
C GLN A 263 -9.67 -3.15 -16.96
N HIS A 264 -9.70 -4.48 -16.92
CA HIS A 264 -9.15 -5.24 -15.80
C HIS A 264 -8.74 -6.63 -16.29
N GLU A 265 -7.64 -7.16 -15.73
CA GLU A 265 -7.13 -8.47 -16.12
C GLU A 265 -8.17 -9.58 -16.04
N GLY A 266 -9.14 -9.47 -15.13
CA GLY A 266 -10.12 -10.50 -14.87
C GLY A 266 -11.31 -10.48 -15.82
N LEU A 267 -11.37 -9.57 -16.70
CA LEU A 267 -12.54 -9.42 -17.55
C LEU A 267 -12.29 -10.13 -18.86
N PRO A 268 -13.20 -10.98 -19.31
CA PRO A 268 -13.06 -11.55 -20.67
C PRO A 268 -12.83 -10.48 -21.70
N LYS A 269 -13.57 -9.37 -21.62
CA LYS A 269 -13.47 -8.26 -22.57
C LYS A 269 -13.71 -6.95 -21.84
N PRO A 270 -13.01 -5.87 -22.18
CA PRO A 270 -13.29 -4.57 -21.58
C PRO A 270 -14.77 -4.20 -21.66
N LEU A 271 -15.22 -3.49 -20.63
CA LEU A 271 -16.62 -3.14 -20.46
C LEU A 271 -16.87 -1.70 -20.88
N THR A 272 -18.08 -1.48 -21.37
CA THR A 272 -18.59 -0.16 -21.72
C THR A 272 -19.92 -0.07 -21.00
N LEU A 273 -20.07 0.94 -20.14
CA LEU A 273 -21.27 1.10 -19.31
C LEU A 273 -21.88 2.48 -19.51
N ARG A 274 -23.20 2.54 -19.32
CA ARG A 274 -23.94 3.79 -19.34
C ARG A 274 -24.92 3.84 -18.17
N TRP A 275 -25.37 5.05 -17.87
CA TRP A 275 -26.47 5.23 -16.92
C TRP A 275 -27.73 4.60 -17.47
N GLU A 276 -28.35 3.74 -16.66
CA GLU A 276 -29.55 3.00 -17.04
C GLU A 276 -30.63 3.41 -16.05
N PRO A 277 -31.42 4.45 -16.36
CA PRO A 277 -32.43 4.87 -15.38
C PRO A 277 -33.53 3.81 -15.20
N MET B 1 11.15 17.55 7.93
CA MET B 1 11.67 17.35 6.53
C MET B 1 10.54 17.43 5.50
N ILE B 2 10.41 16.40 4.65
CA ILE B 2 9.18 16.24 3.88
C ILE B 2 8.07 15.79 4.83
N GLN B 3 6.97 16.52 4.82
CA GLN B 3 5.76 16.04 5.49
C GLN B 3 4.62 16.03 4.50
N ARG B 4 3.81 14.98 4.56
CA ARG B 4 2.71 14.78 3.62
C ARG B 4 1.47 14.45 4.43
N THR B 5 0.39 15.19 4.18
CA THR B 5 -0.82 15.02 4.96
C THR B 5 -1.66 13.84 4.43
N PRO B 6 -2.36 13.12 5.30
CA PRO B 6 -3.09 11.93 4.84
C PRO B 6 -4.28 12.26 3.96
N LYS B 7 -4.45 11.44 2.92
CA LYS B 7 -5.73 11.27 2.26
C LYS B 7 -6.58 10.28 3.06
N ILE B 8 -7.90 10.52 3.06
CA ILE B 8 -8.82 9.75 3.88
C ILE B 8 -10.02 9.35 3.03
N GLN B 9 -10.35 8.05 3.02
CA GLN B 9 -11.63 7.58 2.46
C GLN B 9 -12.35 6.72 3.48
N VAL B 10 -13.67 6.93 3.62
CA VAL B 10 -14.52 6.20 4.56
C VAL B 10 -15.62 5.52 3.76
N TYR B 11 -15.77 4.22 3.93
CA TYR B 11 -16.62 3.44 3.03
C TYR B 11 -16.86 2.07 3.63
N SER B 12 -17.74 1.29 3.01
CA SER B 12 -18.04 -0.04 3.50
C SER B 12 -17.46 -1.12 2.57
N ARG B 13 -17.24 -2.29 3.16
CA ARG B 13 -16.72 -3.42 2.41
C ARG B 13 -17.68 -3.87 1.34
N HIS B 14 -18.95 -4.02 1.69
CA HIS B 14 -20.00 -4.36 0.75
C HIS B 14 -20.99 -3.21 0.62
N PRO B 15 -21.79 -3.19 -0.45
CA PRO B 15 -22.78 -2.13 -0.58
C PRO B 15 -23.68 -2.10 0.65
N ALA B 16 -24.02 -0.89 1.10
CA ALA B 16 -24.70 -0.72 2.37
C ALA B 16 -26.18 -1.05 2.21
N GLU B 17 -26.69 -1.89 3.10
CA GLU B 17 -28.11 -2.20 3.16
C GLU B 17 -28.53 -2.15 4.61
N ASN B 18 -29.44 -1.24 4.95
CA ASN B 18 -29.78 -1.01 6.34
C ASN B 18 -30.20 -2.32 6.99
N GLY B 19 -29.70 -2.55 8.19
CA GLY B 19 -30.01 -3.75 8.93
C GLY B 19 -29.20 -4.96 8.59
N LYS B 20 -28.29 -4.90 7.62
CA LYS B 20 -27.42 -6.03 7.31
C LYS B 20 -25.99 -5.74 7.73
N SER B 21 -25.39 -6.66 8.49
CA SER B 21 -24.04 -6.50 8.99
C SER B 21 -23.05 -6.33 7.85
N ASN B 22 -21.98 -5.58 8.11
CA ASN B 22 -21.07 -5.13 7.06
C ASN B 22 -19.76 -4.75 7.77
N PHE B 23 -18.84 -4.13 7.05
CA PHE B 23 -17.60 -3.64 7.64
C PHE B 23 -17.42 -2.19 7.25
N LEU B 24 -17.04 -1.37 8.24
CA LEU B 24 -16.79 0.04 8.05
C LEU B 24 -15.29 0.23 7.94
N ASN B 25 -14.86 0.87 6.85
CA ASN B 25 -13.44 1.02 6.54
C ASN B 25 -13.05 2.47 6.55
N CYS B 26 -11.87 2.76 7.10
CA CYS B 26 -11.25 4.07 6.96
C CYS B 26 -9.86 3.84 6.41
N TYR B 27 -9.63 4.22 5.16
CA TYR B 27 -8.37 4.04 4.47
C TYR B 27 -7.61 5.35 4.50
N VAL B 28 -6.44 5.33 5.15
CA VAL B 28 -5.58 6.51 5.26
C VAL B 28 -4.32 6.25 4.46
N SER B 29 -3.94 7.20 3.62
CA SER B 29 -2.85 6.98 2.67
C SER B 29 -2.18 8.29 2.33
N GLY B 30 -1.03 8.18 1.66
CA GLY B 30 -0.30 9.34 1.18
C GLY B 30 0.40 10.16 2.23
N PHE B 31 0.61 9.63 3.43
CA PHE B 31 1.10 10.44 4.54
C PHE B 31 2.55 10.09 4.89
N HIS B 32 3.23 11.07 5.48
CA HIS B 32 4.62 10.98 5.92
C HIS B 32 4.84 12.10 6.94
N PRO B 33 5.39 11.79 8.13
CA PRO B 33 5.86 10.49 8.63
C PRO B 33 4.75 9.53 9.03
N SER B 34 5.13 8.36 9.54
CA SER B 34 4.21 7.24 9.64
C SER B 34 3.34 7.29 10.89
N ASP B 35 3.72 8.06 11.90
CA ASP B 35 2.90 8.15 13.11
C ASP B 35 1.56 8.81 12.80
N ILE B 36 0.49 8.14 13.19
CA ILE B 36 -0.86 8.61 12.87
C ILE B 36 -1.81 8.02 13.90
N GLU B 37 -2.90 8.74 14.18
CA GLU B 37 -3.93 8.27 15.09
C GLU B 37 -5.25 8.31 14.36
N VAL B 38 -5.97 7.21 14.39
CA VAL B 38 -7.25 7.07 13.70
C VAL B 38 -8.28 6.51 14.66
N ASP B 39 -9.45 7.14 14.72
CA ASP B 39 -10.62 6.63 15.41
C ASP B 39 -11.76 6.48 14.41
N LEU B 40 -12.51 5.39 14.53
CA LEU B 40 -13.81 5.29 13.89
C LEU B 40 -14.88 5.71 14.91
N LEU B 41 -15.85 6.48 14.44
CA LEU B 41 -16.89 7.05 15.28
C LEU B 41 -18.26 6.54 14.87
N LYS B 42 -19.13 6.36 15.87
CA LYS B 42 -20.54 6.09 15.67
C LYS B 42 -21.32 7.13 16.44
N ASN B 43 -22.06 7.98 15.74
CA ASN B 43 -22.82 9.04 16.38
C ASN B 43 -21.92 9.85 17.32
N GLY B 44 -20.72 10.18 16.82
CA GLY B 44 -19.76 11.00 17.57
C GLY B 44 -18.93 10.29 18.61
N GLU B 45 -19.19 9.01 18.91
CA GLU B 45 -18.52 8.29 19.98
C GLU B 45 -17.52 7.30 19.39
N ARG B 46 -16.35 7.20 20.02
CA ARG B 46 -15.31 6.31 19.52
C ARG B 46 -15.72 4.86 19.65
N ILE B 47 -15.63 4.11 18.54
CA ILE B 47 -15.82 2.67 18.55
C ILE B 47 -14.58 2.02 19.14
N GLU B 48 -14.78 1.09 20.09
CA GLU B 48 -13.63 0.55 20.81
C GLU B 48 -12.96 -0.61 20.09
N LYS B 49 -13.72 -1.39 19.33
CA LYS B 49 -13.26 -2.64 18.76
C LYS B 49 -12.85 -2.41 17.31
N VAL B 50 -11.67 -1.82 17.09
CA VAL B 50 -11.22 -1.43 15.75
C VAL B 50 -9.86 -2.04 15.47
N GLU B 51 -9.75 -2.77 14.37
CA GLU B 51 -8.51 -3.40 13.93
C GLU B 51 -7.95 -2.61 12.75
N HIS B 52 -6.66 -2.81 12.49
CA HIS B 52 -6.04 -2.13 11.36
C HIS B 52 -5.07 -3.06 10.66
N SER B 53 -4.83 -2.77 9.39
CA SER B 53 -3.88 -3.51 8.59
C SER B 53 -2.45 -3.22 9.04
N ASP B 54 -1.51 -3.98 8.49
CA ASP B 54 -0.10 -3.74 8.77
C ASP B 54 0.43 -2.57 7.94
N LEU B 55 1.27 -1.76 8.57
CA LEU B 55 1.78 -0.55 7.96
C LEU B 55 2.61 -0.86 6.71
N SER B 56 2.25 -0.24 5.61
CA SER B 56 2.97 -0.42 4.37
CA SER B 56 2.99 -0.41 4.38
C SER B 56 3.19 0.94 3.71
N PHE B 57 3.84 0.92 2.57
CA PHE B 57 4.03 2.19 1.87
C PHE B 57 4.09 1.98 0.36
N SER B 58 3.81 3.08 -0.34
CA SER B 58 3.64 3.15 -1.79
C SER B 58 4.98 3.43 -2.48
N LYS B 59 4.98 3.45 -3.83
CA LYS B 59 6.24 3.63 -4.54
C LYS B 59 6.84 5.01 -4.31
N ASP B 60 6.04 6.00 -3.95
CA ASP B 60 6.55 7.32 -3.61
C ASP B 60 6.93 7.46 -2.14
N TRP B 61 6.97 6.34 -1.41
CA TRP B 61 7.42 6.20 -0.03
C TRP B 61 6.36 6.62 0.98
N SER B 62 5.20 7.11 0.55
CA SER B 62 4.17 7.52 1.49
C SER B 62 3.45 6.31 2.06
N PHE B 63 2.99 6.43 3.31
CA PHE B 63 2.45 5.31 4.06
C PHE B 63 0.94 5.17 3.84
N TYR B 64 0.44 3.95 4.08
CA TYR B 64 -1.00 3.73 4.04
C TYR B 64 -1.37 2.62 5.01
N LEU B 65 -2.62 2.70 5.51
CA LEU B 65 -3.18 1.89 6.58
C LEU B 65 -4.69 1.78 6.33
N LEU B 66 -5.25 0.59 6.63
CA LEU B 66 -6.70 0.40 6.67
C LEU B 66 -7.11 0.13 8.13
N TYR B 67 -8.04 0.94 8.64
CA TYR B 67 -8.73 0.69 9.90
C TYR B 67 -10.14 0.21 9.58
N TYR B 68 -10.61 -0.83 10.27
CA TYR B 68 -11.92 -1.40 9.95
C TYR B 68 -12.60 -1.94 11.21
N THR B 69 -13.92 -2.06 11.12
CA THR B 69 -14.68 -2.66 12.22
C THR B 69 -16.02 -3.16 11.66
N GLU B 70 -16.58 -4.19 12.29
CA GLU B 70 -17.92 -4.64 11.93
C GLU B 70 -18.97 -3.59 12.29
N PHE B 71 -19.94 -3.39 11.42
CA PHE B 71 -21.06 -2.52 11.76
C PHE B 71 -22.30 -2.94 10.98
N THR B 72 -23.45 -2.51 11.48
CA THR B 72 -24.71 -2.75 10.81
C THR B 72 -25.33 -1.39 10.55
N PRO B 73 -25.33 -0.90 9.31
CA PRO B 73 -25.85 0.44 9.06
C PRO B 73 -27.37 0.50 9.20
N THR B 74 -27.84 1.71 9.49
CA THR B 74 -29.26 2.03 9.63
C THR B 74 -29.52 3.36 8.95
N GLU B 75 -30.80 3.75 8.91
CA GLU B 75 -31.13 5.01 8.24
C GLU B 75 -30.53 6.20 8.96
N LYS B 76 -30.54 6.19 10.30
CA LYS B 76 -30.25 7.38 11.07
C LYS B 76 -28.93 7.35 11.84
N ASP B 77 -28.30 6.18 12.02
CA ASP B 77 -26.97 6.17 12.63
C ASP B 77 -25.96 6.82 11.69
N GLU B 78 -25.05 7.58 12.28
CA GLU B 78 -24.00 8.29 11.58
C GLU B 78 -22.67 7.66 11.95
N TYR B 79 -21.75 7.59 10.99
CA TYR B 79 -20.43 7.02 11.22
C TYR B 79 -19.39 7.93 10.61
N ALA B 80 -18.16 7.83 11.12
CA ALA B 80 -17.12 8.71 10.64
C ALA B 80 -15.75 8.16 11.00
N CYS B 81 -14.73 8.78 10.43
CA CYS B 81 -13.34 8.48 10.69
C CYS B 81 -12.66 9.77 11.14
N ARG B 82 -11.98 9.72 12.30
CA ARG B 82 -11.27 10.87 12.84
C ARG B 82 -9.76 10.61 12.86
N VAL B 83 -9.01 11.49 12.22
CA VAL B 83 -7.59 11.28 11.93
C VAL B 83 -6.78 12.44 12.51
N ASN B 84 -5.71 12.12 13.21
CA ASN B 84 -4.75 13.13 13.62
C ASN B 84 -3.36 12.75 13.12
N HIS B 85 -2.61 13.76 12.70
CA HIS B 85 -1.28 13.62 12.11
C HIS B 85 -0.54 14.93 12.33
N VAL B 86 0.79 14.87 12.31
CA VAL B 86 1.59 16.06 12.60
C VAL B 86 1.28 17.18 11.62
N THR B 87 0.82 16.85 10.41
CA THR B 87 0.51 17.89 9.43
C THR B 87 -0.81 18.59 9.67
N LEU B 88 -1.63 18.11 10.61
CA LEU B 88 -2.95 18.67 10.87
C LEU B 88 -2.93 19.42 12.19
N SER B 89 -3.42 20.66 12.18
CA SER B 89 -3.50 21.44 13.43
C SER B 89 -4.57 20.90 14.36
N GLN B 90 -5.67 20.36 13.82
CA GLN B 90 -6.67 19.70 14.64
C GLN B 90 -7.15 18.45 13.91
N PRO B 91 -7.72 17.49 14.64
CA PRO B 91 -8.19 16.26 13.99
C PRO B 91 -9.12 16.54 12.82
N LYS B 92 -8.99 15.72 11.78
CA LYS B 92 -9.84 15.80 10.60
C LYS B 92 -10.89 14.70 10.72
N ILE B 93 -12.15 15.09 10.59
CA ILE B 93 -13.27 14.14 10.67
C ILE B 93 -13.90 14.04 9.30
N VAL B 94 -14.04 12.82 8.81
CA VAL B 94 -14.63 12.55 7.52
C VAL B 94 -15.82 11.65 7.78
N LYS B 95 -17.00 12.09 7.37
CA LYS B 95 -18.21 11.35 7.65
C LYS B 95 -18.42 10.29 6.58
N TRP B 96 -18.97 9.14 6.99
CA TRP B 96 -19.30 8.10 6.03
C TRP B 96 -20.50 8.51 5.18
N ASP B 97 -20.31 8.54 3.86
CA ASP B 97 -21.38 8.74 2.90
C ASP B 97 -21.52 7.46 2.09
N ARG B 98 -22.68 6.81 2.18
CA ARG B 98 -22.82 5.49 1.57
C ARG B 98 -22.79 5.54 0.05
N ASP B 99 -22.84 6.73 -0.54
CA ASP B 99 -22.75 6.88 -1.99
C ASP B 99 -21.34 7.14 -2.46
N MET B 100 -20.34 6.98 -1.60
CA MET B 100 -18.98 7.27 -2.02
C MET B 100 -17.96 6.24 -1.56
N ARG C 1 11.24 -15.51 0.37
CA ARG C 1 12.10 -15.43 1.56
C ARG C 1 13.11 -14.31 1.37
N GLU C 2 13.57 -13.77 2.50
CA GLU C 2 14.28 -12.50 2.51
C GLU C 2 15.78 -12.65 2.22
N PHE C 3 16.35 -11.55 1.75
CA PHE C 3 17.79 -11.37 1.64
C PHE C 3 18.40 -11.27 3.02
N SER C 4 19.53 -11.95 3.23
CA SER C 4 20.03 -12.11 4.59
C SER C 4 21.24 -11.23 4.90
N LYS C 5 21.63 -10.33 3.99
CA LYS C 5 22.87 -9.59 4.18
C LYS C 5 22.64 -8.10 3.99
N GLU C 6 21.53 -7.56 4.50
CA GLU C 6 21.29 -6.12 4.40
C GLU C 6 22.45 -5.35 5.04
N PRO C 7 23.06 -4.40 4.34
CA PRO C 7 24.23 -3.71 4.91
C PRO C 7 23.86 -2.40 5.59
N GLU C 8 24.76 -1.97 6.46
CA GLU C 8 24.67 -0.65 7.07
C GLU C 8 24.91 0.42 6.03
N LEU C 9 24.07 1.46 6.05
CA LEU C 9 24.29 2.64 5.22
C LEU C 9 25.45 3.52 5.73
#